data_8HOK
#
_entry.id   8HOK
#
_cell.length_a   76.470
_cell.length_b   95.170
_cell.length_c   133.150
_cell.angle_alpha   90.000
_cell.angle_beta   90.000
_cell.angle_gamma   90.000
#
_symmetry.space_group_name_H-M   'I 2 2 2'
#
loop_
_entity.id
_entity.type
_entity.pdbx_description
1 polymer UGT71AP2
2 non-polymer '2-(N-MORPHOLINO)-ETHANESULFONIC ACID'
3 non-polymer GLYCEROL
4 water water
#
_entity_poly.entity_id   1
_entity_poly.type   'polypeptide(L)'
_entity_poly.pdbx_seq_one_letter_code
;GMTNVELVFIPSPGLSHLVSTVEAAKLLLHRDHRLSITVLITNLHKDTKVENYTLKTTSNPNTSPRLRFINLPTQEEDSI
DSQIRQVREIVSVLIKNPDSKLGGLVLDMFCTSFIQVAEEFAIPSYVFFTSGASALGLLQHLVSLKLEHNQDLTQFKDSD
VELSVPCFSVPVPAKVLPAVMVEGGPIEDTFMNYFKRIPETRGIMVNTFYELESFAIQSLLSDAKAPKVYPVGPILGFDQ
TQGPVGDDAIKKWLDDQPENSVVFLCFGTMGSFCEGQVKEIAMALEKSGNRFLWSLRKPEKGRVTEYENYEEVLPQGFLE
RTKGVGKVMGWAPQAAVLSHPAVGGFVSHCGWNSTLESLWFGVPMATFPLYAEQQMNAFLLVKEEGMAEMITLDYKIDFK
GEKQPEIVGSDEIEAAIRRLMAEESGVRRKVKEMQNKARSALLEGGSSYDAQCLFVHDVINNIG
;
_entity_poly.pdbx_strand_id   A
#
loop_
_chem_comp.id
_chem_comp.type
_chem_comp.name
_chem_comp.formula
GOL non-polymer GLYCEROL 'C3 H8 O3'
MES non-polymer '2-(N-MORPHOLINO)-ETHANESULFONIC ACID' 'C6 H13 N O4 S'
#
# COMPACT_ATOMS: atom_id res chain seq x y z
N THR A 3 -21.45 -16.16 23.31
CA THR A 3 -20.93 -16.77 22.08
C THR A 3 -20.28 -15.72 21.16
N ASN A 4 -20.71 -14.47 21.30
CA ASN A 4 -20.18 -13.38 20.50
C ASN A 4 -18.74 -13.04 20.91
N VAL A 5 -17.87 -12.87 19.91
CA VAL A 5 -16.48 -12.49 20.11
C VAL A 5 -16.24 -11.16 19.41
N GLU A 6 -15.76 -10.17 20.15
CA GLU A 6 -15.55 -8.82 19.62
C GLU A 6 -14.07 -8.56 19.39
N LEU A 7 -13.74 -8.07 18.19
CA LEU A 7 -12.37 -7.72 17.82
C LEU A 7 -12.25 -6.21 17.66
N VAL A 8 -11.31 -5.61 18.39
CA VAL A 8 -11.11 -4.16 18.36
C VAL A 8 -9.97 -3.85 17.41
N PHE A 9 -10.24 -3.00 16.41
CA PHE A 9 -9.22 -2.55 15.49
C PHE A 9 -8.78 -1.14 15.86
N ILE A 10 -7.46 -0.92 15.81
CA ILE A 10 -6.91 0.41 16.02
C ILE A 10 -6.07 0.77 14.80
N PRO A 11 -6.64 1.41 13.80
CA PRO A 11 -5.86 1.85 12.64
C PRO A 11 -5.06 3.11 12.95
N SER A 12 -3.99 3.30 12.19
CA SER A 12 -3.24 4.54 12.26
C SER A 12 -4.06 5.65 11.59
N PRO A 13 -3.77 6.92 11.91
CA PRO A 13 -4.51 8.02 11.30
C PRO A 13 -4.30 8.07 9.80
N GLY A 14 -5.32 8.50 9.08
CA GLY A 14 -5.23 8.61 7.64
C GLY A 14 -6.32 7.82 6.96
N LEU A 15 -6.92 8.42 5.92
CA LEU A 15 -8.06 7.79 5.27
C LEU A 15 -7.66 6.49 4.57
N SER A 16 -6.46 6.45 3.98
CA SER A 16 -6.01 5.24 3.30
C SER A 16 -5.99 4.04 4.25
N HIS A 17 -5.28 4.15 5.37
CA HIS A 17 -5.20 3.05 6.31
C HIS A 17 -6.56 2.71 6.89
N LEU A 18 -7.42 3.72 7.09
CA LEU A 18 -8.77 3.44 7.61
C LEU A 18 -9.58 2.62 6.62
N VAL A 19 -9.56 3.00 5.34
CA VAL A 19 -10.33 2.28 4.34
C VAL A 19 -9.87 0.83 4.27
N SER A 20 -8.56 0.62 4.18
CA SER A 20 -8.08 -0.74 4.06
C SER A 20 -8.42 -1.55 5.29
N THR A 21 -8.48 -0.91 6.46
CA THR A 21 -8.84 -1.61 7.69
C THR A 21 -10.31 -2.02 7.67
N VAL A 22 -11.19 -1.10 7.30
CA VAL A 22 -12.63 -1.37 7.31
C VAL A 22 -12.99 -2.40 6.23
N GLU A 23 -12.38 -2.29 5.05
CA GLU A 23 -12.65 -3.29 4.01
C GLU A 23 -12.19 -4.68 4.47
N ALA A 24 -11.06 -4.74 5.18
CA ALA A 24 -10.63 -6.03 5.72
C ALA A 24 -11.62 -6.54 6.75
N ALA A 25 -12.09 -5.66 7.63
CA ALA A 25 -13.06 -6.04 8.65
C ALA A 25 -14.34 -6.60 8.02
N LYS A 26 -14.80 -5.98 6.93
CA LYS A 26 -16.00 -6.46 6.26
C LYS A 26 -15.84 -7.91 5.79
N LEU A 27 -14.68 -8.23 5.20
CA LEU A 27 -14.47 -9.61 4.75
C LEU A 27 -14.45 -10.58 5.93
N LEU A 28 -13.75 -10.23 7.01
CA LEU A 28 -13.70 -11.11 8.18
C LEU A 28 -15.09 -11.37 8.73
N LEU A 29 -15.95 -10.34 8.78
CA LEU A 29 -17.28 -10.51 9.34
C LEU A 29 -18.11 -11.50 8.53
N HIS A 30 -17.82 -11.65 7.24
CA HIS A 30 -18.51 -12.65 6.43
C HIS A 30 -18.14 -14.08 6.80
N ARG A 31 -16.97 -14.30 7.43
CA ARG A 31 -16.49 -15.65 7.63
C ARG A 31 -17.07 -16.36 8.86
N ASP A 32 -17.52 -15.62 9.88
CA ASP A 32 -18.11 -16.25 11.06
C ASP A 32 -19.11 -15.29 11.68
N HIS A 33 -20.39 -15.70 11.73
CA HIS A 33 -21.42 -14.85 12.32
C HIS A 33 -21.15 -14.50 13.78
N ARG A 34 -20.31 -15.26 14.49
CA ARG A 34 -20.02 -14.97 15.89
C ARG A 34 -19.11 -13.76 16.07
N LEU A 35 -18.48 -13.27 15.00
CA LEU A 35 -17.52 -12.19 15.09
C LEU A 35 -18.22 -10.84 14.99
N SER A 36 -17.80 -9.91 15.84
CA SER A 36 -18.16 -8.51 15.65
C SER A 36 -16.87 -7.71 15.69
N ILE A 37 -16.89 -6.52 15.07
CA ILE A 37 -15.69 -5.71 14.99
C ILE A 37 -16.00 -4.29 15.42
N THR A 38 -15.15 -3.74 16.28
CA THR A 38 -15.21 -2.37 16.74
C THR A 38 -13.93 -1.66 16.29
N VAL A 39 -14.08 -0.53 15.60
CA VAL A 39 -12.94 0.22 15.08
C VAL A 39 -12.81 1.53 15.86
N LEU A 40 -11.66 1.72 16.51
CA LEU A 40 -11.39 2.95 17.26
C LEU A 40 -10.79 3.97 16.31
N ILE A 41 -11.45 5.13 16.20
CA ILE A 41 -11.06 6.16 15.25
C ILE A 41 -10.57 7.38 15.99
N THR A 42 -9.55 8.03 15.45
CA THR A 42 -9.05 9.28 15.99
C THR A 42 -9.75 10.45 15.29
N ASN A 43 -10.42 11.29 16.07
CA ASN A 43 -11.13 12.48 15.58
C ASN A 43 -12.15 12.10 14.50
N LEU A 44 -13.17 11.36 14.94
CA LEU A 44 -14.26 10.98 14.03
C LEU A 44 -15.02 12.21 13.57
N HIS A 45 -15.36 13.11 14.49
CA HIS A 45 -16.11 14.32 14.19
C HIS A 45 -15.19 15.52 13.96
N LYS A 46 -14.08 15.34 13.24
CA LYS A 46 -13.21 16.45 12.91
C LYS A 46 -12.82 16.42 11.44
N ASP A 47 -12.71 15.24 10.85
CA ASP A 47 -12.42 15.08 9.43
C ASP A 47 -13.70 14.62 8.72
N THR A 48 -14.08 15.38 7.68
CA THR A 48 -15.33 15.07 6.97
C THR A 48 -15.24 13.76 6.22
N LYS A 49 -14.15 13.53 5.50
CA LYS A 49 -14.03 12.30 4.72
C LYS A 49 -14.09 11.07 5.60
N VAL A 50 -13.66 11.19 6.87
CA VAL A 50 -13.71 10.07 7.78
C VAL A 50 -15.12 9.86 8.31
N GLU A 51 -15.77 10.94 8.77
CA GLU A 51 -17.13 10.82 9.28
C GLU A 51 -18.08 10.35 8.18
N ASN A 52 -17.96 10.91 6.98
CA ASN A 52 -18.81 10.49 5.86
C ASN A 52 -18.64 9.01 5.57
N TYR A 53 -17.39 8.54 5.55
CA TYR A 53 -17.12 7.13 5.27
C TYR A 53 -17.69 6.22 6.35
N THR A 54 -17.51 6.59 7.62
CA THR A 54 -18.00 5.73 8.69
C THR A 54 -19.53 5.72 8.75
N LEU A 55 -20.16 6.86 8.48
CA LEU A 55 -21.62 6.88 8.42
C LEU A 55 -22.11 6.09 7.21
N LYS A 56 -21.45 6.26 6.06
CA LYS A 56 -21.79 5.47 4.88
C LYS A 56 -21.75 3.98 5.19
N THR A 57 -20.71 3.54 5.91
CA THR A 57 -20.55 2.11 6.20
C THR A 57 -21.65 1.61 7.13
N THR A 58 -21.91 2.33 8.21
CA THR A 58 -22.85 1.86 9.22
C THR A 58 -24.32 2.08 8.82
N SER A 59 -24.59 3.01 7.91
CA SER A 59 -25.96 3.19 7.42
C SER A 59 -26.38 2.11 6.42
N ASN A 60 -25.41 1.40 5.85
CA ASN A 60 -25.68 0.43 4.80
C ASN A 60 -25.85 -0.95 5.43
N PRO A 61 -27.06 -1.52 5.46
CA PRO A 61 -27.24 -2.87 6.01
C PRO A 61 -26.66 -3.97 5.14
N ASN A 62 -26.19 -3.64 3.94
CA ASN A 62 -25.35 -4.58 3.20
C ASN A 62 -24.07 -4.88 3.96
N THR A 63 -23.65 -3.97 4.83
CA THR A 63 -22.66 -4.25 5.86
C THR A 63 -23.39 -4.52 7.17
N SER A 64 -22.99 -5.58 7.86
CA SER A 64 -23.74 -6.09 9.00
C SER A 64 -23.72 -5.10 10.17
N PRO A 65 -24.70 -5.23 11.08
CA PRO A 65 -24.63 -4.52 12.37
C PRO A 65 -23.58 -5.07 13.32
N ARG A 66 -22.69 -5.95 12.87
CA ARG A 66 -21.58 -6.41 13.69
C ARG A 66 -20.33 -5.56 13.48
N LEU A 67 -20.47 -4.41 12.83
CA LEU A 67 -19.38 -3.47 12.61
C LEU A 67 -19.75 -2.13 13.20
N ARG A 68 -18.88 -1.56 14.03
CA ARG A 68 -19.17 -0.27 14.64
C ARG A 68 -17.89 0.52 14.84
N PHE A 69 -18.05 1.83 15.04
CA PHE A 69 -16.94 2.74 15.24
C PHE A 69 -17.08 3.43 16.58
N ILE A 70 -15.95 3.67 17.24
CA ILE A 70 -15.89 4.44 18.49
C ILE A 70 -14.80 5.51 18.33
N ASN A 71 -15.14 6.75 18.66
CA ASN A 71 -14.24 7.88 18.44
C ASN A 71 -13.21 8.01 19.54
N LEU A 72 -11.98 8.36 19.15
CA LEU A 72 -10.89 8.74 20.06
C LEU A 72 -10.67 10.24 19.94
N PRO A 73 -11.39 11.07 20.70
CA PRO A 73 -11.21 12.52 20.58
C PRO A 73 -9.83 12.96 21.07
N THR A 74 -9.17 13.79 20.28
CA THR A 74 -7.91 14.39 20.72
C THR A 74 -8.18 15.26 21.95
N GLN A 75 -7.53 14.93 23.05
CA GLN A 75 -7.72 15.66 24.28
C GLN A 75 -6.91 16.95 24.28
N GLU A 76 -7.29 17.86 25.17
CA GLU A 76 -6.57 19.13 25.27
C GLU A 76 -5.08 18.89 25.54
N GLU A 77 -4.77 17.87 26.32
CA GLU A 77 -3.41 17.35 26.45
C GLU A 77 -3.38 15.99 25.75
N ASP A 78 -2.68 15.93 24.61
CA ASP A 78 -2.65 14.73 23.79
C ASP A 78 -1.20 14.32 23.54
N SER A 79 -0.78 13.24 24.20
CA SER A 79 0.45 12.51 23.89
C SER A 79 0.08 11.06 23.65
N ILE A 80 1.10 10.21 23.52
CA ILE A 80 0.83 8.77 23.44
C ILE A 80 0.21 8.28 24.74
N ASP A 81 0.74 8.71 25.90
CA ASP A 81 0.18 8.30 27.18
C ASP A 81 -1.28 8.73 27.29
N SER A 82 -1.65 9.88 26.72
CA SER A 82 -3.05 10.26 26.65
C SER A 82 -3.84 9.27 25.81
N GLN A 83 -3.31 8.88 24.64
CA GLN A 83 -3.98 7.85 23.86
C GLN A 83 -3.95 6.51 24.59
N ILE A 84 -2.83 6.18 25.24
CA ILE A 84 -2.76 4.95 26.02
C ILE A 84 -3.88 4.92 27.05
N ARG A 85 -3.98 5.99 27.86
CA ARG A 85 -5.02 6.06 28.87
C ARG A 85 -6.41 6.04 28.24
N GLN A 86 -6.59 6.73 27.12
CA GLN A 86 -7.88 6.77 26.45
C GLN A 86 -8.24 5.41 25.85
N VAL A 87 -7.26 4.69 25.31
CA VAL A 87 -7.54 3.35 24.82
C VAL A 87 -7.78 2.39 25.98
N ARG A 88 -7.04 2.58 27.08
CA ARG A 88 -7.27 1.77 28.27
C ARG A 88 -8.72 1.86 28.74
N GLU A 89 -9.27 3.08 28.79
CA GLU A 89 -10.61 3.26 29.32
C GLU A 89 -11.65 2.58 28.44
N ILE A 90 -11.49 2.67 27.12
CA ILE A 90 -12.47 2.03 26.24
C ILE A 90 -12.38 0.52 26.37
N VAL A 91 -11.17 -0.01 26.44
CA VAL A 91 -11.02 -1.45 26.56
C VAL A 91 -11.64 -1.95 27.86
N SER A 92 -11.49 -1.18 28.95
CA SER A 92 -12.07 -1.63 30.22
C SER A 92 -13.59 -1.65 30.12
N VAL A 93 -14.18 -0.69 29.42
CA VAL A 93 -15.63 -0.68 29.22
C VAL A 93 -16.06 -1.89 28.41
N LEU A 94 -15.39 -2.12 27.26
CA LEU A 94 -15.78 -3.24 26.41
C LEU A 94 -15.63 -4.57 27.14
N ILE A 95 -14.59 -4.73 27.95
CA ILE A 95 -14.35 -6.01 28.59
C ILE A 95 -15.38 -6.28 29.70
N LYS A 96 -15.98 -5.24 30.27
CA LYS A 96 -16.99 -5.44 31.31
C LYS A 96 -18.29 -6.02 30.77
N ASN A 97 -18.50 -5.94 29.46
CA ASN A 97 -19.71 -6.45 28.81
C ASN A 97 -19.81 -7.97 28.90
N PRO A 98 -20.82 -8.53 29.59
CA PRO A 98 -20.98 -10.00 29.61
C PRO A 98 -21.60 -10.56 28.34
N ASP A 99 -22.11 -9.72 27.45
CA ASP A 99 -22.79 -10.20 26.24
C ASP A 99 -21.82 -10.58 25.12
N SER A 100 -20.54 -10.34 25.29
CA SER A 100 -19.56 -10.63 24.25
C SER A 100 -18.20 -10.81 24.91
N LYS A 101 -17.36 -11.62 24.29
CA LYS A 101 -15.98 -11.79 24.70
C LYS A 101 -15.07 -10.92 23.85
N LEU A 102 -14.08 -10.30 24.49
CA LEU A 102 -13.11 -9.45 23.80
C LEU A 102 -12.06 -10.36 23.19
N GLY A 103 -12.00 -10.38 21.85
CA GLY A 103 -11.07 -11.21 21.12
C GLY A 103 -9.66 -10.68 21.01
N GLY A 104 -9.46 -9.40 21.30
CA GLY A 104 -8.14 -8.79 21.29
C GLY A 104 -8.12 -7.50 20.52
N LEU A 105 -6.91 -6.93 20.40
CA LEU A 105 -6.67 -5.73 19.63
C LEU A 105 -5.95 -6.06 18.34
N VAL A 106 -6.43 -5.51 17.23
CA VAL A 106 -5.77 -5.63 15.94
C VAL A 106 -5.15 -4.28 15.63
N LEU A 107 -3.82 -4.23 15.63
CA LEU A 107 -3.11 -2.95 15.56
C LEU A 107 -2.49 -2.74 14.19
N ASP A 108 -2.53 -1.51 13.72
CA ASP A 108 -1.73 -1.07 12.58
C ASP A 108 -0.25 -1.20 12.90
N MET A 109 0.57 -1.29 11.84
CA MET A 109 2.00 -1.38 12.04
C MET A 109 2.56 -0.15 12.76
N PHE A 110 1.87 0.99 12.70
CA PHE A 110 2.26 2.17 13.45
C PHE A 110 1.52 2.34 14.77
N CYS A 111 0.67 1.38 15.16
CA CYS A 111 0.01 1.44 16.46
C CYS A 111 0.45 0.33 17.40
N THR A 112 1.65 -0.22 17.18
CA THR A 112 2.08 -1.38 17.95
C THR A 112 2.35 -1.06 19.41
N SER A 113 2.47 0.21 19.79
CA SER A 113 2.65 0.51 21.21
C SER A 113 1.45 0.06 22.06
N PHE A 114 0.28 -0.08 21.44
CA PHE A 114 -0.92 -0.53 22.14
C PHE A 114 -0.87 -2.01 22.49
N ILE A 115 0.17 -2.72 22.04
CA ILE A 115 0.37 -4.09 22.51
C ILE A 115 0.46 -4.14 24.03
N GLN A 116 0.97 -3.06 24.65
CA GLN A 116 1.05 -3.04 26.10
C GLN A 116 -0.33 -3.03 26.73
N VAL A 117 -1.29 -2.36 26.08
CA VAL A 117 -2.65 -2.31 26.59
C VAL A 117 -3.31 -3.70 26.51
N ALA A 118 -3.09 -4.40 25.40
CA ALA A 118 -3.61 -5.76 25.27
C ALA A 118 -3.06 -6.66 26.38
N GLU A 119 -1.74 -6.58 26.62
CA GLU A 119 -1.14 -7.36 27.69
C GLU A 119 -1.74 -6.99 29.04
N GLU A 120 -1.93 -5.70 29.29
CA GLU A 120 -2.48 -5.26 30.58
C GLU A 120 -3.84 -5.88 30.81
N PHE A 121 -4.70 -5.90 29.79
CA PHE A 121 -6.03 -6.46 29.92
C PHE A 121 -6.10 -7.94 29.56
N ALA A 122 -4.94 -8.59 29.37
CA ALA A 122 -4.86 -10.03 29.15
C ALA A 122 -5.71 -10.45 27.96
N ILE A 123 -5.58 -9.71 26.87
CA ILE A 123 -6.24 -10.07 25.62
C ILE A 123 -5.17 -10.15 24.55
N PRO A 124 -5.32 -11.03 23.56
CA PRO A 124 -4.31 -11.13 22.50
C PRO A 124 -4.20 -9.83 21.71
N SER A 125 -3.00 -9.61 21.14
CA SER A 125 -2.79 -8.55 20.17
C SER A 125 -2.50 -9.18 18.81
N TYR A 126 -2.88 -8.45 17.76
CA TYR A 126 -2.63 -8.84 16.37
C TYR A 126 -2.21 -7.60 15.60
N VAL A 127 -1.64 -7.81 14.42
CA VAL A 127 -1.25 -6.70 13.55
C VAL A 127 -1.93 -6.87 12.19
N PHE A 128 -2.49 -5.77 11.68
CA PHE A 128 -2.89 -5.67 10.28
C PHE A 128 -1.78 -4.92 9.56
N PHE A 129 -0.97 -5.66 8.80
CA PHE A 129 0.14 -5.11 8.05
C PHE A 129 -0.33 -4.81 6.63
N THR A 130 -0.30 -3.53 6.25
CA THR A 130 -0.95 -3.10 5.02
C THR A 130 -0.02 -3.02 3.82
N SER A 131 1.27 -3.29 3.98
CA SER A 131 2.12 -3.59 2.84
C SER A 131 2.19 -5.11 2.68
N GLY A 132 3.14 -5.60 1.88
CA GLY A 132 3.16 -7.01 1.53
C GLY A 132 4.01 -7.86 2.46
N ALA A 133 4.04 -9.16 2.15
CA ALA A 133 4.77 -10.12 2.98
C ALA A 133 6.28 -9.89 2.90
N SER A 134 6.80 -9.62 1.68
CA SER A 134 8.22 -9.35 1.53
C SER A 134 8.63 -8.12 2.35
N ALA A 135 7.82 -7.06 2.33
CA ALA A 135 8.11 -5.89 3.16
C ALA A 135 8.11 -6.27 4.63
N LEU A 136 7.09 -7.03 5.06
CA LEU A 136 7.05 -7.48 6.45
C LEU A 136 8.30 -8.27 6.80
N GLY A 137 8.68 -9.22 5.95
CA GLY A 137 9.84 -10.03 6.24
C GLY A 137 11.14 -9.24 6.20
N LEU A 138 11.27 -8.31 5.25
CA LEU A 138 12.50 -7.52 5.19
C LEU A 138 12.67 -6.68 6.46
N LEU A 139 11.58 -6.05 6.92
CA LEU A 139 11.67 -5.22 8.13
C LEU A 139 12.02 -6.06 9.35
N GLN A 140 11.43 -7.25 9.51
CA GLN A 140 11.82 -8.10 10.63
C GLN A 140 13.28 -8.49 10.54
N HIS A 141 13.77 -8.77 9.32
CA HIS A 141 15.17 -9.15 9.17
C HIS A 141 16.08 -8.01 9.61
N LEU A 142 15.81 -6.79 9.12
CA LEU A 142 16.64 -5.64 9.52
C LEU A 142 16.57 -5.43 11.03
N VAL A 143 15.41 -5.68 11.64
CA VAL A 143 15.27 -5.52 13.09
C VAL A 143 16.12 -6.54 13.82
N SER A 144 16.07 -7.81 13.36
CA SER A 144 16.88 -8.85 13.99
C SER A 144 18.37 -8.58 13.79
N LEU A 145 18.76 -8.07 12.62
CA LEU A 145 20.15 -7.68 12.40
C LEU A 145 20.61 -6.66 13.44
N LYS A 146 19.75 -5.69 13.75
CA LYS A 146 20.12 -4.62 14.68
C LYS A 146 20.08 -5.10 16.13
N LEU A 147 19.07 -5.88 16.52
CA LEU A 147 18.88 -6.29 17.91
C LEU A 147 19.56 -7.60 18.27
N GLU A 148 19.71 -8.52 17.33
CA GLU A 148 20.31 -9.82 17.64
C GLU A 148 21.73 -9.98 17.13
N HIS A 149 22.21 -9.09 16.27
CA HIS A 149 23.55 -9.27 15.70
C HIS A 149 24.37 -7.99 15.72
N ASN A 150 23.90 -6.96 16.42
CA ASN A 150 24.66 -5.71 16.61
C ASN A 150 25.07 -5.08 15.28
N GLN A 151 24.17 -5.15 14.30
CA GLN A 151 24.44 -4.50 13.02
C GLN A 151 24.13 -3.01 13.12
N ASP A 152 25.07 -2.20 12.66
CA ASP A 152 24.83 -0.76 12.48
C ASP A 152 24.13 -0.61 11.14
N LEU A 153 22.82 -0.34 11.18
CA LEU A 153 22.04 -0.28 9.94
C LEU A 153 22.47 0.87 9.05
N THR A 154 23.04 1.94 9.64
CA THR A 154 23.51 3.04 8.83
C THR A 154 24.60 2.61 7.87
N GLN A 155 25.25 1.47 8.12
CA GLN A 155 26.23 0.91 7.20
C GLN A 155 25.62 0.58 5.84
N PHE A 156 24.32 0.39 5.76
CA PHE A 156 23.71 0.04 4.47
C PHE A 156 23.35 1.26 3.62
N LYS A 157 23.31 2.44 4.21
CA LYS A 157 22.90 3.63 3.47
C LYS A 157 23.80 3.84 2.26
N ASP A 158 23.20 3.84 1.08
CA ASP A 158 23.90 4.03 -0.20
C ASP A 158 25.04 3.04 -0.42
N SER A 159 24.99 1.88 0.23
CA SER A 159 26.06 0.91 0.06
C SER A 159 25.83 0.06 -1.18
N ASP A 160 26.89 -0.63 -1.61
CA ASP A 160 26.84 -1.51 -2.76
C ASP A 160 26.65 -2.98 -2.39
N VAL A 161 26.66 -3.31 -1.10
CA VAL A 161 26.52 -4.72 -0.74
C VAL A 161 25.13 -5.23 -1.09
N GLU A 162 25.01 -6.55 -1.13
CA GLU A 162 23.76 -7.23 -1.36
C GLU A 162 23.48 -8.09 -0.13
N LEU A 163 22.31 -7.93 0.44
CA LEU A 163 21.95 -8.62 1.67
C LEU A 163 21.32 -9.97 1.35
N SER A 164 21.66 -10.97 2.15
CA SER A 164 20.98 -12.25 2.09
C SER A 164 19.81 -12.19 3.06
N VAL A 165 18.60 -12.06 2.52
CA VAL A 165 17.39 -11.82 3.30
C VAL A 165 16.48 -13.04 3.14
N PRO A 166 16.11 -13.73 4.22
CA PRO A 166 15.45 -15.03 4.08
C PRO A 166 14.16 -15.00 3.30
N CYS A 167 13.42 -13.89 3.29
CA CYS A 167 12.15 -13.84 2.58
C CYS A 167 12.28 -13.44 1.10
N PHE A 168 13.50 -13.28 0.58
CA PHE A 168 13.76 -13.03 -0.84
C PHE A 168 14.66 -14.14 -1.36
N SER A 169 14.29 -14.73 -2.50
CA SER A 169 15.11 -15.78 -3.08
C SER A 169 16.35 -15.25 -3.78
N VAL A 170 16.42 -13.95 -4.07
CA VAL A 170 17.64 -13.36 -4.64
C VAL A 170 18.19 -12.36 -3.63
N PRO A 171 19.49 -12.07 -3.70
CA PRO A 171 20.07 -11.08 -2.79
C PRO A 171 19.46 -9.69 -2.98
N VAL A 172 19.27 -9.00 -1.88
CA VAL A 172 18.58 -7.71 -1.85
C VAL A 172 19.65 -6.61 -1.81
N PRO A 173 19.71 -5.72 -2.81
CA PRO A 173 20.67 -4.62 -2.73
C PRO A 173 20.33 -3.65 -1.61
N ALA A 174 21.37 -3.26 -0.89
CA ALA A 174 21.21 -2.28 0.19
C ALA A 174 20.54 -0.99 -0.30
N LYS A 175 20.59 -0.69 -1.59
CA LYS A 175 20.03 0.55 -2.08
C LYS A 175 18.52 0.51 -2.25
N VAL A 176 17.86 -0.64 -2.11
CA VAL A 176 16.41 -0.67 -2.14
C VAL A 176 15.80 -0.83 -0.75
N LEU A 177 16.64 -0.87 0.29
CA LEU A 177 16.13 -0.86 1.66
C LEU A 177 15.37 0.44 1.92
N PRO A 178 14.26 0.39 2.65
CA PRO A 178 13.56 1.63 2.99
C PRO A 178 14.49 2.61 3.70
N ALA A 179 14.42 3.88 3.28
CA ALA A 179 15.35 4.88 3.80
C ALA A 179 15.27 5.03 5.32
N VAL A 180 14.06 4.93 5.87
CA VAL A 180 13.90 5.16 7.32
C VAL A 180 14.72 4.18 8.14
N MET A 181 15.05 3.00 7.60
CA MET A 181 15.77 2.01 8.38
C MET A 181 17.28 2.14 8.29
N VAL A 182 17.81 2.99 7.41
CA VAL A 182 19.26 3.08 7.24
C VAL A 182 19.78 4.48 7.48
N GLU A 183 18.95 5.40 7.97
CA GLU A 183 19.34 6.80 8.14
C GLU A 183 19.68 7.15 9.58
N GLY A 184 19.67 6.18 10.49
CA GLY A 184 20.07 6.48 11.86
C GLY A 184 19.17 7.50 12.56
N GLY A 185 19.62 7.86 13.77
CA GLY A 185 19.01 8.92 14.52
C GLY A 185 17.62 8.60 15.04
N PRO A 186 16.89 9.64 15.43
CA PRO A 186 15.50 9.45 15.89
C PRO A 186 14.65 8.69 14.91
N ILE A 187 14.91 8.82 13.61
CA ILE A 187 14.04 8.16 12.63
C ILE A 187 14.24 6.65 12.70
N GLU A 188 15.49 6.19 12.83
CA GLU A 188 15.74 4.76 13.01
C GLU A 188 15.11 4.25 14.29
N ASP A 189 15.32 4.98 15.39
CA ASP A 189 14.70 4.63 16.68
C ASP A 189 13.20 4.45 16.54
N THR A 190 12.54 5.43 15.92
CA THR A 190 11.08 5.38 15.78
C THR A 190 10.65 4.11 15.08
N PHE A 191 11.30 3.78 13.96
CA PHE A 191 10.80 2.65 13.18
C PHE A 191 11.24 1.32 13.76
N MET A 192 12.40 1.27 14.43
CA MET A 192 12.75 0.09 15.20
C MET A 192 11.70 -0.23 16.27
N ASN A 193 11.13 0.80 16.90
CA ASN A 193 10.16 0.57 17.96
C ASN A 193 8.81 0.12 17.40
N TYR A 194 8.43 0.60 16.22
CA TYR A 194 7.23 0.11 15.59
C TYR A 194 7.36 -1.38 15.32
N PHE A 195 8.38 -1.75 14.56
CA PHE A 195 8.43 -3.05 13.91
C PHE A 195 8.98 -4.15 14.79
N LYS A 196 9.73 -3.83 15.84
CA LYS A 196 10.28 -4.90 16.67
C LYS A 196 9.21 -5.55 17.54
N ARG A 197 8.07 -4.89 17.71
CA ARG A 197 6.97 -5.45 18.49
C ARG A 197 6.03 -6.31 17.64
N ILE A 198 6.02 -6.10 16.32
CA ILE A 198 5.20 -6.94 15.44
C ILE A 198 5.41 -8.44 15.70
N PRO A 199 6.65 -8.95 15.81
CA PRO A 199 6.82 -10.38 16.13
C PRO A 199 6.38 -10.76 17.54
N GLU A 200 5.83 -9.85 18.34
CA GLU A 200 5.42 -10.18 19.71
C GLU A 200 3.90 -10.25 19.86
N THR A 201 3.17 -10.15 18.75
CA THR A 201 1.72 -10.29 18.77
C THR A 201 1.37 -11.77 18.56
N ARG A 202 0.07 -12.07 18.48
CA ARG A 202 -0.36 -13.45 18.28
C ARG A 202 -0.61 -13.80 16.82
N GLY A 203 -0.43 -12.84 15.89
CA GLY A 203 -0.69 -13.12 14.49
C GLY A 203 -0.72 -11.86 13.65
N ILE A 204 -0.42 -11.99 12.36
CA ILE A 204 -0.27 -10.83 11.47
C ILE A 204 -1.09 -11.06 10.21
N MET A 205 -2.16 -10.27 10.02
CA MET A 205 -2.78 -10.19 8.71
C MET A 205 -1.91 -9.33 7.79
N VAL A 206 -1.70 -9.81 6.57
CA VAL A 206 -0.92 -9.10 5.56
C VAL A 206 -1.81 -8.85 4.35
N ASN A 207 -1.78 -7.62 3.84
CA ASN A 207 -2.56 -7.28 2.66
C ASN A 207 -1.83 -7.77 1.40
N THR A 208 -1.78 -9.08 1.26
CA THR A 208 -1.23 -9.71 0.07
C THR A 208 -1.98 -11.02 -0.16
N PHE A 209 -1.64 -11.72 -1.24
CA PHE A 209 -2.17 -13.08 -1.42
C PHE A 209 -1.01 -14.02 -1.66
N TYR A 210 -1.20 -15.27 -1.21
CA TYR A 210 -0.11 -16.23 -1.15
C TYR A 210 0.62 -16.37 -2.49
N GLU A 211 -0.13 -16.46 -3.59
CA GLU A 211 0.47 -16.71 -4.88
C GLU A 211 1.42 -15.58 -5.30
N LEU A 212 1.20 -14.37 -4.83
CA LEU A 212 2.06 -13.25 -5.22
C LEU A 212 3.41 -13.34 -4.51
N GLU A 213 3.43 -13.80 -3.27
CA GLU A 213 4.64 -13.73 -2.44
C GLU A 213 4.85 -15.04 -1.69
N SER A 214 4.82 -16.16 -2.43
CA SER A 214 4.82 -17.47 -1.79
C SER A 214 6.14 -17.74 -1.08
N PHE A 215 7.25 -17.32 -1.68
CA PHE A 215 8.55 -17.55 -1.06
C PHE A 215 8.67 -16.81 0.26
N ALA A 216 8.27 -15.54 0.30
CA ALA A 216 8.35 -14.77 1.53
C ALA A 216 7.43 -15.34 2.60
N ILE A 217 6.23 -15.78 2.21
CA ILE A 217 5.29 -16.29 3.21
C ILE A 217 5.78 -17.62 3.77
N GLN A 218 6.28 -18.51 2.91
CA GLN A 218 6.90 -19.74 3.39
C GLN A 218 8.07 -19.43 4.33
N SER A 219 8.87 -18.41 4.00
CA SER A 219 9.96 -18.01 4.89
C SER A 219 9.39 -17.54 6.23
N LEU A 220 8.37 -16.68 6.19
CA LEU A 220 7.79 -16.15 7.42
C LEU A 220 7.15 -17.25 8.25
N LEU A 221 6.44 -18.18 7.62
CA LEU A 221 5.78 -19.26 8.34
C LEU A 221 6.77 -20.28 8.91
N SER A 222 7.99 -20.33 8.39
CA SER A 222 8.99 -21.27 8.87
C SER A 222 9.74 -20.77 10.09
N ASP A 223 9.60 -19.50 10.44
CA ASP A 223 10.27 -18.91 11.60
C ASP A 223 9.44 -19.25 12.84
N ALA A 224 9.87 -20.27 13.58
CA ALA A 224 9.12 -20.71 14.76
C ALA A 224 9.01 -19.64 15.84
N LYS A 225 9.79 -18.56 15.74
CA LYS A 225 9.79 -17.50 16.74
C LYS A 225 8.92 -16.32 16.35
N ALA A 226 8.39 -16.31 15.13
CA ALA A 226 7.53 -15.28 14.59
C ALA A 226 6.07 -15.74 14.58
N PRO A 227 5.14 -14.81 14.71
CA PRO A 227 3.72 -15.16 14.75
C PRO A 227 3.25 -15.65 13.39
N LYS A 228 2.17 -16.44 13.41
CA LYS A 228 1.56 -16.87 12.16
C LYS A 228 1.17 -15.66 11.33
N VAL A 229 1.35 -15.75 10.02
CA VAL A 229 0.94 -14.69 9.10
C VAL A 229 -0.26 -15.19 8.31
N TYR A 230 -1.14 -14.25 7.97
CA TYR A 230 -2.38 -14.56 7.27
C TYR A 230 -2.50 -13.64 6.05
N PRO A 231 -2.15 -14.11 4.86
CA PRO A 231 -2.31 -13.27 3.66
C PRO A 231 -3.77 -13.16 3.26
N VAL A 232 -4.43 -12.04 3.56
CA VAL A 232 -5.88 -11.92 3.44
C VAL A 232 -6.29 -11.01 2.29
N GLY A 233 -5.37 -10.62 1.43
CA GLY A 233 -5.69 -9.67 0.39
C GLY A 233 -5.74 -10.28 -0.99
N PRO A 234 -5.84 -9.43 -2.03
CA PRO A 234 -5.73 -7.95 -1.97
C PRO A 234 -6.95 -7.25 -1.39
N ILE A 235 -6.73 -6.39 -0.40
CA ILE A 235 -7.76 -5.50 0.12
C ILE A 235 -7.69 -4.19 -0.65
N LEU A 236 -8.77 -3.84 -1.34
CA LEU A 236 -8.77 -2.67 -2.21
C LEU A 236 -9.83 -1.67 -1.76
N GLY A 237 -9.60 -0.40 -2.07
CA GLY A 237 -10.43 0.67 -1.56
C GLY A 237 -11.69 0.93 -2.36
N PHE A 238 -12.27 -0.11 -2.95
CA PHE A 238 -13.50 0.04 -3.72
C PHE A 238 -14.23 -1.30 -3.69
N ASP A 239 -15.49 -1.27 -4.13
CA ASP A 239 -16.30 -2.48 -4.23
C ASP A 239 -15.69 -3.38 -5.30
N GLN A 240 -14.96 -4.40 -4.87
CA GLN A 240 -14.21 -5.23 -5.81
C GLN A 240 -15.12 -6.12 -6.65
N THR A 241 -16.40 -6.22 -6.32
CA THR A 241 -17.35 -6.94 -7.16
C THR A 241 -18.04 -6.04 -8.17
N GLN A 242 -18.18 -4.75 -7.88
CA GLN A 242 -18.83 -3.84 -8.82
C GLN A 242 -17.85 -2.96 -9.59
N GLY A 243 -16.68 -2.67 -9.02
CA GLY A 243 -15.69 -1.84 -9.69
C GLY A 243 -15.63 -0.45 -9.09
N PRO A 244 -14.59 0.30 -9.43
CA PRO A 244 -14.41 1.63 -8.84
C PRO A 244 -15.23 2.70 -9.55
N VAL A 245 -15.39 3.83 -8.86
CA VAL A 245 -16.12 4.99 -9.40
C VAL A 245 -15.14 5.85 -10.18
N GLY A 246 -15.55 6.26 -11.37
CA GLY A 246 -14.62 6.90 -12.27
C GLY A 246 -14.97 8.32 -12.66
N ASP A 247 -14.53 8.72 -13.85
CA ASP A 247 -14.75 10.05 -14.39
C ASP A 247 -15.29 9.91 -15.80
N ASP A 248 -16.40 10.60 -16.08
CA ASP A 248 -16.99 10.52 -17.42
C ASP A 248 -16.04 11.07 -18.48
N ALA A 249 -15.45 12.24 -18.23
CA ALA A 249 -14.57 12.85 -19.22
C ALA A 249 -13.40 11.93 -19.57
N ILE A 250 -12.71 11.42 -18.55
CA ILE A 250 -11.62 10.47 -18.78
C ILE A 250 -12.11 9.25 -19.54
N LYS A 251 -13.22 8.67 -19.08
CA LYS A 251 -13.71 7.44 -19.69
C LYS A 251 -14.05 7.67 -21.17
N LYS A 252 -14.63 8.83 -21.50
CA LYS A 252 -14.94 9.13 -22.89
C LYS A 252 -13.68 9.19 -23.75
N TRP A 253 -12.63 9.83 -23.24
CA TRP A 253 -11.40 9.88 -24.02
C TRP A 253 -10.77 8.50 -24.16
N LEU A 254 -10.76 7.73 -23.07
CA LEU A 254 -10.18 6.40 -23.11
C LEU A 254 -10.97 5.48 -24.04
N ASP A 255 -12.30 5.65 -24.09
CA ASP A 255 -13.13 4.82 -24.96
C ASP A 255 -12.72 4.95 -26.42
N ASP A 256 -12.13 6.08 -26.79
CA ASP A 256 -11.75 6.36 -28.17
C ASP A 256 -10.40 5.79 -28.55
N GLN A 257 -9.71 5.11 -27.64
CA GLN A 257 -8.38 4.57 -27.85
C GLN A 257 -8.44 3.06 -27.97
N PRO A 258 -7.57 2.44 -28.77
CA PRO A 258 -7.56 0.98 -28.87
C PRO A 258 -7.21 0.33 -27.55
N GLU A 259 -7.61 -0.94 -27.43
CA GLU A 259 -7.35 -1.71 -26.22
C GLU A 259 -5.85 -1.78 -25.96
N ASN A 260 -5.47 -1.61 -24.69
CA ASN A 260 -4.08 -1.73 -24.24
C ASN A 260 -3.13 -0.75 -24.91
N SER A 261 -3.62 0.36 -25.45
CA SER A 261 -2.76 1.30 -26.15
C SER A 261 -2.25 2.46 -25.29
N VAL A 262 -2.86 2.71 -24.14
CA VAL A 262 -2.59 3.92 -23.36
C VAL A 262 -1.68 3.59 -22.20
N VAL A 263 -0.61 4.37 -22.03
CA VAL A 263 0.23 4.26 -20.85
C VAL A 263 -0.22 5.33 -19.85
N PHE A 264 -0.59 4.88 -18.65
CA PHE A 264 -1.03 5.74 -17.56
C PHE A 264 0.18 6.03 -16.66
N LEU A 265 0.41 7.31 -16.35
CA LEU A 265 1.47 7.70 -15.43
C LEU A 265 0.82 8.44 -14.28
N CYS A 266 0.97 7.90 -13.07
CA CYS A 266 0.37 8.51 -11.90
C CYS A 266 1.22 8.18 -10.69
N PHE A 267 1.51 9.20 -9.88
CA PHE A 267 2.34 9.07 -8.69
C PHE A 267 1.66 9.73 -7.50
N GLY A 268 0.34 9.62 -7.43
CA GLY A 268 -0.42 10.23 -6.36
C GLY A 268 -0.76 11.70 -6.55
N THR A 269 -0.34 12.31 -7.68
CA THR A 269 -0.63 13.72 -7.98
C THR A 269 -0.18 14.63 -6.86
N MET A 270 0.98 14.34 -6.28
CA MET A 270 1.52 15.12 -5.19
C MET A 270 2.58 16.12 -5.63
N GLY A 271 2.99 16.09 -6.89
CA GLY A 271 4.08 16.94 -7.34
C GLY A 271 5.43 16.54 -6.76
N SER A 272 5.65 15.23 -6.59
CA SER A 272 6.87 14.76 -5.92
C SER A 272 8.12 15.00 -6.76
N PHE A 273 8.02 14.97 -8.09
CA PHE A 273 9.19 15.07 -8.97
C PHE A 273 9.72 16.50 -9.04
N CYS A 274 11.03 16.62 -9.25
CA CYS A 274 11.61 17.92 -9.56
C CYS A 274 11.43 18.21 -11.05
N GLU A 275 11.60 19.49 -11.42
CA GLU A 275 11.22 19.94 -12.76
C GLU A 275 12.04 19.24 -13.84
N GLY A 276 13.34 19.09 -13.59
CA GLY A 276 14.18 18.43 -14.57
C GLY A 276 13.79 16.98 -14.81
N GLN A 277 13.31 16.30 -13.78
CA GLN A 277 12.84 14.94 -13.97
C GLN A 277 11.55 14.91 -14.79
N VAL A 278 10.65 15.87 -14.54
CA VAL A 278 9.43 15.99 -15.34
C VAL A 278 9.77 16.17 -16.81
N LYS A 279 10.76 17.02 -17.11
CA LYS A 279 11.14 17.24 -18.50
C LYS A 279 11.57 15.95 -19.17
N GLU A 280 12.37 15.12 -18.46
CA GLU A 280 12.84 13.87 -19.03
C GLU A 280 11.69 12.90 -19.31
N ILE A 281 10.71 12.82 -18.41
CA ILE A 281 9.56 11.94 -18.65
C ILE A 281 8.80 12.41 -19.88
N ALA A 282 8.67 13.72 -20.04
CA ALA A 282 7.90 14.28 -21.13
C ALA A 282 8.57 13.96 -22.47
N MET A 283 9.89 14.18 -22.55
CA MET A 283 10.65 13.84 -23.74
C MET A 283 10.56 12.37 -24.07
N ALA A 284 10.64 11.51 -23.04
CA ALA A 284 10.55 10.08 -23.25
C ALA A 284 9.18 9.70 -23.82
N LEU A 285 8.11 10.30 -23.28
CA LEU A 285 6.77 10.06 -23.81
C LEU A 285 6.69 10.40 -25.30
N GLU A 286 7.25 11.55 -25.69
CA GLU A 286 7.22 11.98 -27.10
C GLU A 286 8.00 11.02 -27.99
N LYS A 287 9.22 10.68 -27.59
CA LYS A 287 10.03 9.77 -28.39
C LYS A 287 9.36 8.42 -28.53
N SER A 288 8.69 7.95 -27.46
CA SER A 288 8.03 6.65 -27.51
C SER A 288 6.90 6.63 -28.54
N GLY A 289 6.31 7.77 -28.85
CA GLY A 289 5.15 7.76 -29.73
C GLY A 289 3.88 7.18 -29.14
N ASN A 290 3.94 6.69 -27.91
CA ASN A 290 2.82 5.98 -27.32
C ASN A 290 1.71 6.92 -26.90
N ARG A 291 0.48 6.43 -26.90
CA ARG A 291 -0.62 7.16 -26.28
C ARG A 291 -0.44 7.16 -24.76
N PHE A 292 -0.83 8.26 -24.11
CA PHE A 292 -0.56 8.35 -22.68
C PHE A 292 -1.63 9.15 -21.96
N LEU A 293 -1.76 8.88 -20.67
CA LEU A 293 -2.56 9.68 -19.75
C LEU A 293 -1.67 9.97 -18.54
N TRP A 294 -1.33 11.23 -18.34
CA TRP A 294 -0.30 11.60 -17.38
C TRP A 294 -0.93 12.50 -16.32
N SER A 295 -1.14 11.94 -15.13
CA SER A 295 -1.59 12.70 -13.98
C SER A 295 -0.38 13.42 -13.39
N LEU A 296 -0.37 14.74 -13.47
CA LEU A 296 0.78 15.53 -13.04
C LEU A 296 0.27 16.74 -12.27
N ARG A 297 0.75 16.93 -11.04
CA ARG A 297 0.31 18.08 -10.26
C ARG A 297 0.71 19.37 -10.95
N LYS A 298 -0.21 20.32 -11.00
CA LYS A 298 0.07 21.59 -11.64
C LYS A 298 1.33 22.21 -11.05
N PRO A 299 2.33 22.52 -11.87
CA PRO A 299 3.54 23.18 -11.34
C PRO A 299 3.21 24.58 -10.84
N GLU A 300 3.83 24.96 -9.73
CA GLU A 300 3.65 26.28 -9.16
C GLU A 300 4.76 27.17 -9.70
N LYS A 301 4.57 27.64 -10.94
CA LYS A 301 5.56 28.45 -11.62
C LYS A 301 5.14 29.91 -11.75
N GLY A 302 4.14 30.33 -10.98
CA GLY A 302 3.82 31.75 -10.93
C GLY A 302 3.14 32.31 -12.16
N ARG A 303 2.64 31.47 -13.06
CA ARG A 303 1.92 31.93 -14.23
C ARG A 303 0.43 32.10 -13.93
N VAL A 304 -0.26 32.83 -14.80
CA VAL A 304 -1.66 33.16 -14.55
C VAL A 304 -2.54 31.93 -14.74
N THR A 305 -2.37 31.21 -15.84
CA THR A 305 -3.25 30.09 -16.16
C THR A 305 -2.58 28.75 -15.84
N GLU A 306 -3.42 27.73 -15.58
CA GLU A 306 -2.92 26.38 -15.32
C GLU A 306 -2.11 25.87 -16.51
N TYR A 307 -2.62 26.06 -17.72
CA TYR A 307 -1.90 25.65 -18.93
C TYR A 307 -0.51 26.23 -18.96
N GLU A 308 -0.39 27.54 -18.71
CA GLU A 308 0.92 28.20 -18.73
C GLU A 308 1.87 27.60 -17.70
N ASN A 309 1.35 27.24 -16.52
CA ASN A 309 2.22 26.65 -15.50
C ASN A 309 2.77 25.29 -15.95
N TYR A 310 1.96 24.47 -16.61
CA TYR A 310 2.47 23.21 -17.16
C TYR A 310 3.51 23.47 -18.22
N GLU A 311 3.29 24.48 -19.07
CA GLU A 311 4.24 24.79 -20.14
C GLU A 311 5.62 25.11 -19.60
N GLU A 312 5.69 25.75 -18.43
CA GLU A 312 6.98 26.16 -17.88
C GLU A 312 7.91 24.98 -17.63
N VAL A 313 7.37 23.80 -17.36
CA VAL A 313 8.20 22.64 -17.05
C VAL A 313 8.21 21.60 -18.15
N LEU A 314 7.44 21.77 -19.20
CA LEU A 314 7.48 20.76 -20.25
C LEU A 314 8.34 21.26 -21.40
N PRO A 315 8.90 20.36 -22.22
CA PRO A 315 9.58 20.80 -23.43
C PRO A 315 8.68 21.76 -24.21
N GLN A 316 9.31 22.70 -24.90
CA GLN A 316 8.57 23.68 -25.68
C GLN A 316 7.70 22.99 -26.73
N GLY A 317 6.43 23.38 -26.80
CA GLY A 317 5.51 22.79 -27.74
C GLY A 317 5.09 21.36 -27.44
N PHE A 318 5.51 20.80 -26.31
CA PHE A 318 5.12 19.43 -25.96
C PHE A 318 3.60 19.25 -26.02
N LEU A 319 2.86 20.20 -25.43
CA LEU A 319 1.43 19.99 -25.30
C LEU A 319 0.73 20.05 -26.66
N GLU A 320 1.23 20.88 -27.57
CA GLU A 320 0.66 20.94 -28.92
C GLU A 320 0.98 19.69 -29.73
N ARG A 321 2.22 19.20 -29.66
CA ARG A 321 2.60 18.03 -30.45
C ARG A 321 1.94 16.75 -29.97
N THR A 322 1.67 16.60 -28.67
CA THR A 322 1.03 15.40 -28.15
C THR A 322 -0.48 15.53 -28.02
N LYS A 323 -1.04 16.65 -28.50
CA LYS A 323 -2.47 16.95 -28.33
C LYS A 323 -3.34 15.75 -28.72
N GLY A 324 -3.06 15.14 -29.86
CA GLY A 324 -3.89 14.06 -30.34
C GLY A 324 -3.55 12.68 -29.85
N VAL A 325 -2.48 12.51 -29.09
CA VAL A 325 -2.07 11.20 -28.64
C VAL A 325 -2.14 11.02 -27.13
N GLY A 326 -2.09 12.10 -26.35
CA GLY A 326 -2.07 11.95 -24.90
C GLY A 326 -2.59 13.19 -24.20
N LYS A 327 -2.75 13.08 -22.89
CA LYS A 327 -3.26 14.19 -22.10
C LYS A 327 -2.47 14.32 -20.83
N VAL A 328 -2.14 15.56 -20.48
CA VAL A 328 -1.54 15.89 -19.21
C VAL A 328 -2.62 16.52 -18.34
N MET A 329 -2.85 15.96 -17.15
CA MET A 329 -3.94 16.42 -16.31
C MET A 329 -3.50 16.41 -14.86
N GLY A 330 -4.39 16.87 -13.99
CA GLY A 330 -4.13 16.81 -12.56
C GLY A 330 -4.66 15.52 -11.98
N TRP A 331 -5.50 15.63 -10.97
CA TRP A 331 -5.98 14.44 -10.27
C TRP A 331 -6.73 13.52 -11.23
N ALA A 332 -6.55 12.21 -11.04
CA ALA A 332 -7.22 11.20 -11.84
C ALA A 332 -7.67 10.08 -10.92
N PRO A 333 -8.83 9.48 -11.17
CA PRO A 333 -9.25 8.34 -10.34
C PRO A 333 -8.48 7.09 -10.74
N GLN A 334 -7.46 6.73 -9.93
CA GLN A 334 -6.46 5.77 -10.38
C GLN A 334 -7.06 4.41 -10.70
N ALA A 335 -7.81 3.83 -9.75
CA ALA A 335 -8.37 2.50 -9.95
C ALA A 335 -9.28 2.46 -11.18
N ALA A 336 -10.11 3.48 -11.35
CA ALA A 336 -11.01 3.48 -12.50
C ALA A 336 -10.23 3.59 -13.81
N VAL A 337 -9.13 4.35 -13.81
CA VAL A 337 -8.33 4.46 -15.03
C VAL A 337 -7.71 3.10 -15.36
N LEU A 338 -7.15 2.42 -14.35
CA LEU A 338 -6.54 1.12 -14.59
C LEU A 338 -7.55 0.07 -15.02
N SER A 339 -8.82 0.24 -14.64
CA SER A 339 -9.85 -0.71 -15.04
C SER A 339 -10.25 -0.57 -16.49
N HIS A 340 -9.87 0.52 -17.15
CA HIS A 340 -10.30 0.72 -18.54
C HIS A 340 -9.50 -0.17 -19.48
N PRO A 341 -10.15 -0.85 -20.43
CA PRO A 341 -9.40 -1.74 -21.34
C PRO A 341 -8.42 -1.01 -22.25
N ALA A 342 -8.59 0.29 -22.48
CA ALA A 342 -7.59 1.01 -23.27
C ALA A 342 -6.25 1.12 -22.56
N VAL A 343 -6.21 0.98 -21.24
CA VAL A 343 -4.98 1.21 -20.50
C VAL A 343 -4.13 -0.06 -20.54
N GLY A 344 -2.91 0.07 -21.06
CA GLY A 344 -2.08 -1.10 -21.30
C GLY A 344 -0.84 -1.11 -20.45
N GLY A 345 -0.57 -0.01 -19.74
CA GLY A 345 0.63 0.09 -18.92
C GLY A 345 0.50 1.19 -17.89
N PHE A 346 1.29 1.06 -16.83
CA PHE A 346 1.17 1.93 -15.65
C PHE A 346 2.58 2.31 -15.20
N VAL A 347 3.00 3.54 -15.41
CA VAL A 347 4.23 4.04 -14.82
C VAL A 347 3.87 4.54 -13.42
N SER A 348 4.49 3.96 -12.39
CA SER A 348 3.98 4.06 -11.04
C SER A 348 5.15 4.17 -10.07
N HIS A 349 4.90 4.75 -8.90
CA HIS A 349 5.91 4.77 -7.85
C HIS A 349 5.94 3.48 -7.03
N CYS A 350 5.09 2.50 -7.38
CA CYS A 350 5.07 1.17 -6.77
C CYS A 350 4.68 1.17 -5.30
N GLY A 351 3.97 2.18 -4.82
CA GLY A 351 3.31 2.03 -3.52
C GLY A 351 2.47 0.76 -3.53
N TRP A 352 2.22 0.17 -2.35
CA TRP A 352 1.61 -1.17 -2.35
C TRP A 352 0.17 -1.14 -2.83
N ASN A 353 -0.60 -0.12 -2.45
CA ASN A 353 -1.97 -0.05 -2.93
C ASN A 353 -2.02 0.10 -4.45
N SER A 354 -1.12 0.92 -5.00
CA SER A 354 -1.05 1.07 -6.46
C SER A 354 -0.64 -0.24 -7.10
N THR A 355 0.29 -0.96 -6.46
CA THR A 355 0.72 -2.25 -6.99
C THR A 355 -0.45 -3.24 -7.05
N LEU A 356 -1.25 -3.31 -5.97
CA LEU A 356 -2.36 -4.26 -5.94
C LEU A 356 -3.45 -3.86 -6.92
N GLU A 357 -3.71 -2.57 -7.07
CA GLU A 357 -4.74 -2.12 -8.00
C GLU A 357 -4.35 -2.43 -9.43
N SER A 358 -3.09 -2.20 -9.78
CA SER A 358 -2.65 -2.48 -11.15
C SER A 358 -2.73 -3.97 -11.46
N LEU A 359 -2.24 -4.78 -10.53
CA LEU A 359 -2.35 -6.23 -10.60
C LEU A 359 -3.80 -6.67 -10.76
N TRP A 360 -4.68 -6.10 -9.94
CA TRP A 360 -6.09 -6.47 -9.95
C TRP A 360 -6.70 -6.31 -11.33
N PHE A 361 -6.31 -5.28 -12.06
CA PHE A 361 -6.86 -5.02 -13.39
C PHE A 361 -5.93 -5.49 -14.50
N GLY A 362 -4.90 -6.26 -14.17
CA GLY A 362 -4.04 -6.85 -15.18
C GLY A 362 -3.21 -5.88 -15.96
N VAL A 363 -2.79 -4.76 -15.37
CA VAL A 363 -2.02 -3.73 -16.07
C VAL A 363 -0.57 -3.83 -15.58
N PRO A 364 0.38 -4.13 -16.46
CA PRO A 364 1.78 -4.20 -16.03
C PRO A 364 2.35 -2.82 -15.75
N MET A 365 3.35 -2.77 -14.85
CA MET A 365 3.94 -1.52 -14.40
C MET A 365 5.37 -1.37 -14.89
N ALA A 366 5.80 -0.11 -14.99
CA ALA A 366 7.20 0.28 -15.08
C ALA A 366 7.52 1.07 -13.81
N THR A 367 8.60 0.69 -13.13
CA THR A 367 8.80 1.10 -11.74
C THR A 367 9.55 2.43 -11.66
N PHE A 368 8.96 3.39 -10.95
CA PHE A 368 9.62 4.65 -10.62
C PHE A 368 9.39 4.96 -9.15
N PRO A 369 10.00 4.19 -8.25
CA PRO A 369 9.76 4.38 -6.81
C PRO A 369 10.32 5.70 -6.30
N LEU A 370 9.74 6.19 -5.20
CA LEU A 370 10.08 7.52 -4.68
C LEU A 370 10.45 7.52 -3.19
N TYR A 371 9.66 6.85 -2.34
CA TYR A 371 9.86 6.93 -0.90
C TYR A 371 9.31 5.67 -0.23
N ALA A 372 9.39 5.66 1.10
CA ALA A 372 8.86 4.59 2.00
C ALA A 372 9.48 3.26 1.59
N GLU A 373 8.69 2.20 1.32
CA GLU A 373 9.22 0.91 0.89
C GLU A 373 9.06 0.69 -0.62
N GLN A 374 8.83 1.77 -1.37
CA GLN A 374 8.56 1.66 -2.81
C GLN A 374 9.73 1.08 -3.58
N GLN A 375 10.97 1.40 -3.17
CA GLN A 375 12.12 0.81 -3.85
C GLN A 375 12.13 -0.71 -3.70
N MET A 376 11.86 -1.21 -2.49
CA MET A 376 11.75 -2.64 -2.26
C MET A 376 10.61 -3.25 -3.06
N ASN A 377 9.46 -2.57 -3.09
CA ASN A 377 8.35 -3.05 -3.90
C ASN A 377 8.76 -3.16 -5.37
N ALA A 378 9.46 -2.14 -5.89
CA ALA A 378 9.95 -2.20 -7.25
C ALA A 378 10.88 -3.40 -7.46
N PHE A 379 11.76 -3.65 -6.50
CA PHE A 379 12.70 -4.76 -6.61
C PHE A 379 11.97 -6.09 -6.60
N LEU A 380 10.98 -6.23 -5.71
CA LEU A 380 10.12 -7.41 -5.72
C LEU A 380 9.47 -7.61 -7.08
N LEU A 381 8.81 -6.59 -7.62
CA LEU A 381 8.09 -6.73 -8.87
C LEU A 381 9.03 -7.06 -10.03
N VAL A 382 10.13 -6.31 -10.13
CA VAL A 382 11.02 -6.47 -11.28
C VAL A 382 11.87 -7.70 -11.13
N LYS A 383 12.63 -7.79 -10.03
CA LYS A 383 13.73 -8.75 -9.89
C LYS A 383 13.29 -10.09 -9.30
N GLU A 384 12.36 -10.08 -8.34
CA GLU A 384 11.96 -11.35 -7.72
C GLU A 384 10.81 -12.01 -8.48
N GLU A 385 9.84 -11.23 -8.94
CA GLU A 385 8.65 -11.76 -9.61
C GLU A 385 8.72 -11.71 -11.13
N GLY A 386 9.63 -10.91 -11.69
CA GLY A 386 9.67 -10.75 -13.15
C GLY A 386 8.35 -10.34 -13.74
N MET A 387 7.63 -9.43 -13.07
CA MET A 387 6.31 -9.03 -13.53
C MET A 387 6.20 -7.53 -13.75
N ALA A 388 7.33 -6.83 -13.83
CA ALA A 388 7.30 -5.40 -14.13
C ALA A 388 8.54 -5.03 -14.92
N GLU A 389 8.43 -3.96 -15.71
CA GLU A 389 9.58 -3.31 -16.31
C GLU A 389 10.19 -2.31 -15.33
N MET A 390 11.50 -2.09 -15.44
CA MET A 390 12.23 -1.23 -14.53
C MET A 390 12.61 0.05 -15.26
N ILE A 391 12.21 1.19 -14.71
CA ILE A 391 12.87 2.44 -15.04
C ILE A 391 14.02 2.69 -14.09
N THR A 392 13.74 2.56 -12.79
CA THR A 392 14.75 2.63 -11.75
C THR A 392 14.26 1.81 -10.58
N LEU A 393 15.21 1.30 -9.81
CA LEU A 393 14.92 0.59 -8.57
C LEU A 393 15.22 1.41 -7.32
N ASP A 394 16.23 2.28 -7.35
CA ASP A 394 16.74 2.86 -6.12
C ASP A 394 16.54 4.36 -6.02
N TYR A 395 15.84 4.97 -6.97
CA TYR A 395 15.44 6.36 -6.87
C TYR A 395 14.79 6.65 -5.53
N LYS A 396 15.16 7.78 -4.93
CA LYS A 396 14.70 8.13 -3.59
C LYS A 396 14.65 9.65 -3.47
N ILE A 397 13.50 10.18 -3.05
CA ILE A 397 13.35 11.59 -2.70
C ILE A 397 13.05 11.68 -1.20
N ASP A 398 13.59 12.71 -0.55
CA ASP A 398 13.35 12.91 0.86
C ASP A 398 12.15 13.80 1.15
N PHE A 399 11.75 14.64 0.20
CA PHE A 399 10.57 15.47 0.35
C PHE A 399 10.06 15.88 -1.03
N LYS A 400 8.83 16.38 -1.05
CA LYS A 400 8.17 16.78 -2.29
C LYS A 400 9.00 17.80 -3.07
N GLY A 401 9.29 17.46 -4.33
CA GLY A 401 9.96 18.38 -5.23
C GLY A 401 11.46 18.51 -5.05
N GLU A 402 12.07 17.74 -4.13
CA GLU A 402 13.50 17.86 -3.86
C GLU A 402 14.30 17.60 -5.13
N LYS A 403 15.27 18.49 -5.39
CA LYS A 403 16.12 18.33 -6.57
C LYS A 403 16.98 17.08 -6.42
N GLN A 404 16.97 16.22 -7.44
CA GLN A 404 17.72 14.97 -7.28
C GLN A 404 19.10 15.07 -7.92
N PRO A 405 20.13 14.52 -7.28
CA PRO A 405 21.47 14.51 -7.90
C PRO A 405 21.56 13.63 -9.12
N GLU A 406 20.74 12.59 -9.23
CA GLU A 406 20.78 11.66 -10.35
C GLU A 406 19.39 11.63 -11.00
N ILE A 407 19.25 12.32 -12.11
CA ILE A 407 17.99 12.40 -12.84
C ILE A 407 17.95 11.24 -13.84
N VAL A 408 16.82 10.52 -13.87
CA VAL A 408 16.67 9.45 -14.86
C VAL A 408 16.42 10.06 -16.24
N GLY A 409 17.25 9.70 -17.22
CA GLY A 409 17.18 10.32 -18.53
C GLY A 409 16.03 9.78 -19.37
N SER A 410 15.67 10.56 -20.41
CA SER A 410 14.54 10.20 -21.25
C SER A 410 14.77 8.91 -22.03
N ASP A 411 16.02 8.65 -22.44
CA ASP A 411 16.31 7.39 -23.14
C ASP A 411 15.98 6.17 -22.29
N GLU A 412 16.30 6.21 -21.00
CA GLU A 412 16.00 5.06 -20.15
C GLU A 412 14.50 4.92 -19.93
N ILE A 413 13.81 6.04 -19.74
CA ILE A 413 12.35 6.00 -19.58
C ILE A 413 11.69 5.52 -20.88
N GLU A 414 12.13 6.09 -22.01
CA GLU A 414 11.57 5.69 -23.30
C GLU A 414 11.70 4.18 -23.50
N ALA A 415 12.90 3.64 -23.22
CA ALA A 415 13.13 2.22 -23.47
C ALA A 415 12.21 1.37 -22.59
N ALA A 416 12.04 1.77 -21.33
CA ALA A 416 11.17 1.02 -20.44
C ALA A 416 9.72 1.07 -20.91
N ILE A 417 9.27 2.22 -21.40
CA ILE A 417 7.90 2.35 -21.88
C ILE A 417 7.69 1.50 -23.13
N ARG A 418 8.68 1.48 -24.03
CA ARG A 418 8.54 0.64 -25.21
C ARG A 418 8.46 -0.84 -24.84
N ARG A 419 9.27 -1.27 -23.88
CA ARG A 419 9.21 -2.67 -23.46
C ARG A 419 7.90 -2.98 -22.77
N LEU A 420 7.42 -2.04 -21.95
CA LEU A 420 6.16 -2.20 -21.24
C LEU A 420 4.98 -2.39 -22.20
N MET A 421 4.91 -1.53 -23.23
CA MET A 421 3.76 -1.51 -24.13
C MET A 421 3.88 -2.48 -25.29
N ALA A 422 4.96 -3.26 -25.37
CA ALA A 422 5.07 -4.27 -26.40
C ALA A 422 3.92 -5.28 -26.25
N GLU A 423 3.33 -5.67 -27.38
CA GLU A 423 2.08 -6.43 -27.32
C GLU A 423 2.30 -7.81 -26.72
N GLU A 424 3.43 -8.44 -27.01
CA GLU A 424 3.75 -9.75 -26.44
C GLU A 424 5.01 -9.62 -25.61
N SER A 425 4.93 -10.03 -24.35
CA SER A 425 6.06 -9.93 -23.45
C SER A 425 5.81 -10.90 -22.31
N GLY A 426 6.89 -11.48 -21.81
CA GLY A 426 6.76 -12.34 -20.64
C GLY A 426 6.25 -11.59 -19.44
N VAL A 427 6.65 -10.32 -19.30
CA VAL A 427 6.16 -9.50 -18.20
C VAL A 427 4.64 -9.37 -18.26
N ARG A 428 4.11 -9.09 -19.46
CA ARG A 428 2.66 -8.91 -19.60
C ARG A 428 1.94 -10.21 -19.29
N ARG A 429 2.47 -11.34 -19.76
CA ARG A 429 1.83 -12.63 -19.50
C ARG A 429 1.80 -12.94 -18.01
N LYS A 430 2.91 -12.66 -17.31
CA LYS A 430 3.00 -12.93 -15.88
C LYS A 430 2.03 -12.03 -15.10
N VAL A 431 1.83 -10.81 -15.56
CA VAL A 431 0.85 -9.94 -14.91
C VAL A 431 -0.55 -10.50 -15.08
N LYS A 432 -0.88 -10.96 -16.30
CA LYS A 432 -2.21 -11.54 -16.53
C LYS A 432 -2.44 -12.79 -15.67
N GLU A 433 -1.43 -13.65 -15.60
CA GLU A 433 -1.49 -14.81 -14.72
C GLU A 433 -1.65 -14.39 -13.26
N MET A 434 -0.92 -13.36 -12.83
CA MET A 434 -1.08 -12.89 -11.46
C MET A 434 -2.43 -12.20 -11.26
N GLN A 435 -2.98 -11.57 -12.30
CA GLN A 435 -4.30 -10.97 -12.16
C GLN A 435 -5.35 -12.02 -11.82
N ASN A 436 -5.37 -13.13 -12.58
CA ASN A 436 -6.31 -14.23 -12.31
C ASN A 436 -6.15 -14.79 -10.90
N LYS A 437 -4.90 -14.96 -10.46
CA LYS A 437 -4.65 -15.48 -9.11
C LYS A 437 -5.10 -14.51 -8.04
N ALA A 438 -4.94 -13.19 -8.28
CA ALA A 438 -5.39 -12.22 -7.30
C ALA A 438 -6.90 -12.28 -7.11
N ARG A 439 -7.64 -12.43 -8.22
CA ARG A 439 -9.08 -12.50 -8.14
C ARG A 439 -9.54 -13.83 -7.57
N SER A 440 -8.85 -14.93 -7.90
CA SER A 440 -9.21 -16.23 -7.34
C SER A 440 -8.90 -16.31 -5.86
N ALA A 441 -7.91 -15.56 -5.38
CA ALA A 441 -7.51 -15.70 -3.98
C ALA A 441 -8.64 -15.37 -3.02
N LEU A 442 -9.50 -14.42 -3.39
CA LEU A 442 -10.54 -13.92 -2.50
C LEU A 442 -11.85 -14.70 -2.61
N LEU A 443 -11.99 -15.56 -3.61
CA LEU A 443 -13.20 -16.37 -3.76
C LEU A 443 -13.15 -17.59 -2.85
N GLU A 444 -14.33 -18.15 -2.60
CA GLU A 444 -14.44 -19.36 -1.81
C GLU A 444 -13.51 -20.41 -2.39
N GLY A 445 -12.71 -21.03 -1.52
CA GLY A 445 -11.67 -21.92 -1.96
C GLY A 445 -10.36 -21.24 -2.27
N GLY A 446 -10.34 -19.90 -2.34
CA GLY A 446 -9.09 -19.20 -2.59
C GLY A 446 -8.22 -19.09 -1.36
N SER A 447 -6.91 -18.92 -1.61
CA SER A 447 -5.93 -18.84 -0.52
C SER A 447 -6.26 -17.72 0.45
N SER A 448 -6.62 -16.54 -0.05
CA SER A 448 -6.87 -15.43 0.87
C SER A 448 -8.19 -15.62 1.60
N TYR A 449 -9.20 -16.15 0.90
CA TYR A 449 -10.44 -16.53 1.56
C TYR A 449 -10.17 -17.49 2.73
N ASP A 450 -9.31 -18.48 2.50
CA ASP A 450 -9.00 -19.45 3.55
C ASP A 450 -8.18 -18.82 4.68
N ALA A 451 -7.27 -17.91 4.35
CA ALA A 451 -6.51 -17.23 5.38
C ALA A 451 -7.41 -16.38 6.27
N GLN A 452 -8.44 -15.75 5.68
CA GLN A 452 -9.40 -15.00 6.46
C GLN A 452 -10.17 -15.91 7.42
N CYS A 453 -10.62 -17.07 6.94
CA CYS A 453 -11.30 -18.02 7.81
C CYS A 453 -10.40 -18.48 8.94
N LEU A 454 -9.14 -18.80 8.60
CA LEU A 454 -8.21 -19.28 9.60
C LEU A 454 -7.92 -18.20 10.64
N PHE A 455 -7.82 -16.94 10.20
CA PHE A 455 -7.58 -15.86 11.16
C PHE A 455 -8.74 -15.75 12.15
N VAL A 456 -9.97 -15.68 11.64
CA VAL A 456 -11.12 -15.60 12.52
C VAL A 456 -11.15 -16.80 13.44
N HIS A 457 -10.88 -18.00 12.89
CA HIS A 457 -10.87 -19.21 13.69
C HIS A 457 -9.84 -19.11 14.81
N ASP A 458 -8.63 -18.65 14.47
CA ASP A 458 -7.58 -18.54 15.48
C ASP A 458 -7.93 -17.49 16.53
N VAL A 459 -8.57 -16.40 16.13
CA VAL A 459 -8.93 -15.37 17.09
C VAL A 459 -9.89 -15.94 18.12
N ILE A 460 -10.94 -16.63 17.64
CA ILE A 460 -11.94 -17.19 18.54
C ILE A 460 -11.30 -18.20 19.48
N ASN A 461 -10.41 -19.04 18.98
CA ASN A 461 -9.85 -20.08 19.84
C ASN A 461 -8.76 -19.55 20.77
N ASN A 462 -8.04 -18.49 20.36
CA ASN A 462 -6.96 -17.98 21.20
C ASN A 462 -7.47 -17.37 22.49
N ILE A 463 -8.74 -16.98 22.55
CA ILE A 463 -9.30 -16.42 23.77
C ILE A 463 -9.52 -17.48 24.85
N GLY A 464 -9.63 -18.74 24.46
CA GLY A 464 -9.75 -19.82 25.42
C GLY A 464 -11.15 -19.98 25.98
O1 MES B . 28.34 10.92 -12.50
C2 MES B . 27.80 12.04 -11.79
C3 MES B . 26.76 12.84 -12.59
N4 MES B . 25.72 11.90 -12.99
C5 MES B . 26.12 10.58 -13.45
C6 MES B . 27.63 10.62 -13.70
C7 MES B . 24.48 12.41 -13.57
C8 MES B . 24.14 13.81 -13.08
S MES B . 22.66 14.23 -13.75
O1S MES B . 21.71 13.10 -13.58
O2S MES B . 22.87 14.56 -15.18
O3S MES B . 22.06 15.42 -13.10
C1 GOL C . 5.04 19.47 -10.87
O1 GOL C . 3.86 18.87 -10.39
C2 GOL C . 6.15 19.07 -9.88
O2 GOL C . 6.53 17.75 -10.07
C3 GOL C . 7.32 20.13 -10.05
O3 GOL C . 7.29 20.61 -11.37
C1 GOL D . -2.48 20.64 -19.46
O1 GOL D . -2.52 19.56 -20.38
C2 GOL D . -3.94 20.90 -19.02
O2 GOL D . -4.18 20.54 -17.68
C3 GOL D . -4.19 22.40 -19.31
O3 GOL D . -5.53 22.69 -18.89
#